data_6GTA
#
_entry.id   6GTA
#
_cell.length_a   60.890
_cell.length_b   97.940
_cell.length_c   98.650
_cell.angle_alpha   90.00
_cell.angle_beta   90.00
_cell.angle_gamma   90.00
#
_symmetry.space_group_name_H-M   'P 21 21 21'
#
loop_
_entity.id
_entity.type
_entity.pdbx_description
1 polymer Alpha-galactosidase
2 non-polymer 'SULFATE ION'
3 non-polymer 'MAGNESIUM ION'
4 non-polymer (1~{R},2~{S},3~{S},6~{S})-6-[3,5-bis(fluoranyl)phenoxy]-4-(hydroxymethyl)cyclohex-4-ene-1,2,3-triol
5 water water
#
_entity_poly.entity_id   1
_entity_poly.type   'polypeptide(L)'
_entity_poly.pdbx_seq_one_letter_code
;MGSSHHHHHHSSGLVPRGSHMASMEIFGKTFREGRFVLKEKNFTVEFAVEKIHLGWKISGRVKGSPGRLEVLRTKAPEKV
LVNNWQSWGPCRVVDAFSFKPPEIDPNWRYTASVVPDVLERNLQSDYFVAEEGKVYGFLSSKIAHPFFAVEDGELVAYLE
YFDVEFDDFVPLEPLVVLEDPNTPLLLEKYAELVGMENNARVPKHTPTGWCSWYHYFLDLTWEETLKNLKLAKNFPFEVF
QIDDAYEKDIGDWLVTRGDFPSVEEMAKVIAENGFIPGIWTAPFSVSETSDVFNEHPDWVVKENGEPKMAYRNWNKKIYA
LDLSKDEVLNWLFDLFSSLRKMGYRYFKIDFLFAGAVPGERKKNITPIQAFRKGIETIRKAVGEDSFILGCGSPLLPAVG
CVDGMRIGPATAPFWGEHIEDNGAPAARWALRNAITRYFMHDRFWLNDPDCLILREEKTDLTQKEKELYSYTCGVLDNMI
IESDDLSLVRDHGKKVLKETLELLGGRPRVQNIMSEDLRYEIVSSGTLSGNVKIVVDLNSREYHLEKEGKSSLKKRVVKR
EDGRNFYFYEEGERE
;
_entity_poly.pdbx_strand_id   A
#
# COMPACT_ATOMS: atom_id res chain seq x y z
N ARG A 17 8.20 -10.86 -32.61
CA ARG A 17 6.97 -10.46 -33.35
C ARG A 17 5.82 -11.44 -33.03
N GLY A 18 4.62 -11.12 -33.54
CA GLY A 18 3.47 -12.02 -33.50
C GLY A 18 2.22 -11.33 -34.00
N SER A 19 1.18 -12.11 -34.30
CA SER A 19 -0.13 -11.58 -34.70
C SER A 19 -0.67 -10.61 -33.63
N HIS A 20 -0.45 -10.94 -32.35
CA HIS A 20 -1.00 -10.19 -31.21
C HIS A 20 -0.26 -8.85 -31.05
N MET A 21 1.02 -8.79 -31.43
CA MET A 21 1.83 -7.55 -31.31
C MET A 21 1.40 -6.57 -32.40
N ALA A 22 1.12 -7.09 -33.60
CA ALA A 22 0.72 -6.32 -34.76
C ALA A 22 -0.65 -5.68 -34.54
N SER A 23 -1.45 -6.27 -33.63
CA SER A 23 -2.81 -5.80 -33.27
C SER A 23 -2.77 -4.64 -32.27
N MET A 24 -1.60 -4.35 -31.69
CA MET A 24 -1.45 -3.33 -30.62
C MET A 24 -1.38 -1.91 -31.23
N GLU A 25 -1.80 -0.90 -30.46
CA GLU A 25 -1.61 0.53 -30.79
C GLU A 25 -0.84 1.22 -29.66
N ILE A 26 0.00 2.22 -30.02
CA ILE A 26 0.71 3.09 -29.08
C ILE A 26 0.47 4.55 -29.45
N PHE A 27 -0.14 5.29 -28.51
CA PHE A 27 -0.49 6.70 -28.67
C PHE A 27 -1.29 6.89 -29.97
N GLY A 28 -2.18 5.95 -30.28
CA GLY A 28 -3.19 6.11 -31.35
C GLY A 28 -2.79 5.46 -32.67
N LYS A 29 -1.57 4.92 -32.72
CA LYS A 29 -0.94 4.54 -33.99
C LYS A 29 -0.30 3.15 -33.84
N THR A 30 -0.43 2.34 -34.89
CA THR A 30 -0.11 0.92 -34.83
C THR A 30 1.34 0.75 -34.33
N PHE A 31 1.53 -0.24 -33.48
CA PHE A 31 2.74 -0.51 -32.70
C PHE A 31 3.91 -0.89 -33.61
N ARG A 32 5.03 -0.18 -33.46
CA ARG A 32 6.34 -0.61 -33.98
C ARG A 32 7.46 0.10 -33.23
N GLU A 33 8.66 -0.48 -33.27
CA GLU A 33 9.91 0.10 -32.75
C GLU A 33 10.18 1.45 -33.45
N GLY A 34 10.75 2.42 -32.71
CA GLY A 34 11.15 3.74 -33.28
C GLY A 34 11.00 4.89 -32.30
N ARG A 35 11.42 6.10 -32.73
CA ARG A 35 11.18 7.38 -32.07
C ARG A 35 10.06 8.12 -32.80
N PHE A 36 9.11 8.71 -32.07
CA PHE A 36 7.97 9.41 -32.69
C PHE A 36 7.66 10.74 -31.99
N VAL A 37 6.81 11.53 -32.64
CA VAL A 37 6.33 12.82 -32.17
C VAL A 37 4.85 12.93 -32.54
N LEU A 38 4.00 13.24 -31.55
CA LEU A 38 2.58 13.39 -31.74
C LEU A 38 2.18 14.82 -31.35
N LYS A 39 1.84 15.63 -32.36
CA LYS A 39 1.29 17.00 -32.18
C LYS A 39 -0.24 16.94 -32.29
N GLU A 40 -0.94 17.21 -31.18
CA GLU A 40 -2.41 17.34 -31.15
C GLU A 40 -2.78 18.78 -30.78
N LYS A 41 -4.09 19.08 -30.85
CA LYS A 41 -4.60 20.46 -30.76
C LYS A 41 -4.10 21.13 -29.47
N ASN A 42 -3.98 20.36 -28.38
CA ASN A 42 -3.81 20.93 -27.06
C ASN A 42 -2.62 20.31 -26.31
N PHE A 43 -1.88 19.41 -26.96
CA PHE A 43 -0.71 18.84 -26.33
C PHE A 43 0.21 18.22 -27.38
N THR A 44 1.46 17.98 -26.95
CA THR A 44 2.50 17.34 -27.72
C THR A 44 3.17 16.27 -26.85
N VAL A 45 3.43 15.11 -27.44
CA VAL A 45 4.23 14.10 -26.74
C VAL A 45 5.30 13.56 -27.69
N GLU A 46 6.50 13.37 -27.15
CA GLU A 46 7.60 12.73 -27.84
C GLU A 46 7.99 11.45 -27.09
N PHE A 47 8.01 10.32 -27.80
CA PHE A 47 8.15 9.01 -27.17
C PHE A 47 8.97 8.05 -28.02
N ALA A 48 9.62 7.12 -27.33
CA ALA A 48 10.44 6.06 -27.88
C ALA A 48 9.86 4.69 -27.50
N VAL A 49 9.83 3.77 -28.47
CA VAL A 49 9.44 2.40 -28.28
C VAL A 49 10.68 1.53 -28.46
N GLU A 50 11.32 1.16 -27.34
CA GLU A 50 12.60 0.47 -27.36
CA GLU A 50 12.62 0.49 -27.29
C GLU A 50 12.41 -0.99 -26.95
N LYS A 51 13.34 -1.85 -27.39
CA LYS A 51 13.36 -3.26 -26.96
C LYS A 51 14.16 -3.37 -25.65
N ILE A 52 13.64 -4.17 -24.71
CA ILE A 52 14.36 -4.54 -23.48
C ILE A 52 14.25 -6.06 -23.30
N HIS A 53 14.96 -6.57 -22.28
CA HIS A 53 14.90 -7.97 -21.87
C HIS A 53 13.45 -8.38 -21.52
N LEU A 54 12.90 -9.32 -22.30
CA LEU A 54 11.55 -9.95 -22.14
C LEU A 54 10.42 -9.04 -22.66
N GLY A 55 10.75 -7.92 -23.33
CA GLY A 55 9.77 -7.29 -24.20
C GLY A 55 10.12 -5.85 -24.56
N TRP A 56 9.20 -4.93 -24.27
CA TRP A 56 9.24 -3.57 -24.82
C TRP A 56 9.07 -2.52 -23.72
N LYS A 57 9.53 -1.29 -24.00
CA LYS A 57 9.40 -0.16 -23.09
C LYS A 57 9.05 1.11 -23.89
N ILE A 58 8.04 1.84 -23.41
CA ILE A 58 7.63 3.15 -23.95
C ILE A 58 7.96 4.24 -22.92
N SER A 59 8.76 5.23 -23.33
CA SER A 59 9.21 6.35 -22.50
C SER A 59 9.26 7.64 -23.33
N GLY A 60 9.42 8.80 -22.66
CA GLY A 60 9.31 10.11 -23.33
C GLY A 60 8.97 11.25 -22.40
N ARG A 61 8.35 12.30 -22.97
CA ARG A 61 8.01 13.53 -22.26
C ARG A 61 6.81 14.18 -22.94
N VAL A 62 6.13 15.08 -22.22
CA VAL A 62 4.86 15.64 -22.66
C VAL A 62 4.73 17.08 -22.16
N LYS A 63 3.93 17.88 -22.89
CA LYS A 63 3.64 19.27 -22.53
C LYS A 63 2.32 19.69 -23.17
N GLY A 64 1.79 20.83 -22.70
CA GLY A 64 0.43 21.31 -23.02
C GLY A 64 -0.57 20.86 -21.98
N SER A 65 -1.78 20.50 -22.45
CA SER A 65 -2.86 20.01 -21.59
C SER A 65 -3.29 18.61 -22.02
N PRO A 66 -2.58 17.55 -21.57
CA PRO A 66 -2.84 16.20 -22.05
C PRO A 66 -4.12 15.54 -21.51
N GLY A 67 -4.76 16.12 -20.49
CA GLY A 67 -5.98 15.53 -19.88
C GLY A 67 -5.79 14.06 -19.49
N ARG A 68 -6.72 13.21 -19.95
CA ARG A 68 -6.64 11.73 -19.81
C ARG A 68 -6.01 11.17 -21.10
N LEU A 69 -4.73 10.82 -21.04
CA LEU A 69 -3.93 10.55 -22.24
C LEU A 69 -3.87 9.04 -22.52
N GLU A 70 -4.35 8.61 -23.69
CA GLU A 70 -4.34 7.20 -24.09
C GLU A 70 -2.94 6.80 -24.55
N VAL A 71 -2.36 5.79 -23.89
CA VAL A 71 -0.97 5.35 -24.15
C VAL A 71 -0.94 4.09 -25.05
N LEU A 72 -1.83 3.13 -24.78
CA LEU A 72 -1.76 1.78 -25.34
C LEU A 72 -3.18 1.22 -25.50
N ARG A 73 -3.38 0.40 -26.52
CA ARG A 73 -4.66 -0.28 -26.76
C ARG A 73 -4.36 -1.71 -27.28
N THR A 74 -5.00 -2.72 -26.67
CA THR A 74 -4.83 -4.12 -27.08
C THR A 74 -6.10 -4.91 -26.73
N LYS A 75 -6.15 -6.14 -27.23
CA LYS A 75 -7.30 -7.01 -27.05
C LYS A 75 -7.35 -7.39 -25.56
N ALA A 76 -8.53 -7.21 -24.96
CA ALA A 76 -8.78 -7.55 -23.58
C ALA A 76 -8.74 -9.07 -23.41
N PRO A 77 -7.82 -9.62 -22.58
CA PRO A 77 -7.85 -11.03 -22.20
C PRO A 77 -9.11 -11.43 -21.42
N GLU A 78 -9.35 -12.73 -21.31
CA GLU A 78 -10.56 -13.27 -20.67
C GLU A 78 -10.44 -13.20 -19.13
N LYS A 79 -9.26 -13.57 -18.62
CA LYS A 79 -8.94 -13.56 -17.18
C LYS A 79 -7.76 -12.61 -16.94
N VAL A 80 -7.93 -11.64 -16.03
CA VAL A 80 -6.90 -10.61 -15.74
C VAL A 80 -6.71 -10.49 -14.23
N LEU A 81 -5.44 -10.45 -13.79
CA LEU A 81 -5.04 -10.00 -12.44
C LEU A 81 -5.09 -8.46 -12.39
N VAL A 82 -6.05 -7.91 -11.63
CA VAL A 82 -6.24 -6.45 -11.45
C VAL A 82 -5.75 -6.03 -10.06
N ASN A 83 -5.44 -4.73 -9.93
CA ASN A 83 -4.83 -4.18 -8.72
C ASN A 83 -5.43 -2.81 -8.42
N ASN A 84 -6.00 -2.68 -7.23
CA ASN A 84 -6.43 -1.41 -6.64
C ASN A 84 -5.20 -0.55 -6.32
N TRP A 85 -5.37 0.78 -6.39
CA TRP A 85 -4.25 1.72 -6.25
C TRP A 85 -3.64 1.70 -4.85
N GLN A 86 -4.40 1.30 -3.82
CA GLN A 86 -3.92 1.51 -2.44
C GLN A 86 -3.92 0.22 -1.62
N SER A 87 -3.25 0.31 -0.46
CA SER A 87 -2.96 -0.77 0.49
C SER A 87 -4.13 -1.79 0.61
N TRP A 88 -5.32 -1.29 0.95
CA TRP A 88 -6.43 -2.11 1.46
C TRP A 88 -7.26 -2.73 0.31
N GLY A 89 -7.06 -2.27 -0.93
CA GLY A 89 -7.86 -2.70 -2.07
C GLY A 89 -7.39 -4.03 -2.65
N PRO A 90 -8.29 -4.84 -3.25
CA PRO A 90 -7.92 -6.15 -3.77
C PRO A 90 -6.91 -6.11 -4.93
N CYS A 91 -5.98 -7.07 -4.87
CA CYS A 91 -5.29 -7.56 -6.05
C CYS A 91 -5.75 -9.00 -6.27
N ARG A 92 -6.45 -9.22 -7.39
CA ARG A 92 -7.19 -10.45 -7.60
C ARG A 92 -7.46 -10.69 -9.09
N VAL A 93 -7.64 -11.97 -9.43
CA VAL A 93 -8.01 -12.41 -10.77
C VAL A 93 -9.52 -12.28 -10.95
N VAL A 94 -9.92 -11.76 -12.11
CA VAL A 94 -11.31 -11.39 -12.37
C VAL A 94 -11.66 -11.78 -13.82
N ASP A 95 -12.91 -12.18 -14.03
CA ASP A 95 -13.43 -12.45 -15.38
C ASP A 95 -13.82 -11.11 -16.01
N ALA A 96 -13.16 -10.74 -17.11
CA ALA A 96 -13.21 -9.39 -17.66
C ALA A 96 -14.56 -9.09 -18.33
N PHE A 97 -15.20 -10.14 -18.89
CA PHE A 97 -16.32 -9.94 -19.79
C PHE A 97 -17.64 -9.94 -19.02
N SER A 98 -17.63 -10.51 -17.80
CA SER A 98 -18.82 -10.56 -16.95
C SER A 98 -18.68 -9.59 -15.76
N PHE A 99 -18.07 -8.43 -16.01
CA PHE A 99 -17.97 -7.32 -15.03
C PHE A 99 -19.29 -6.54 -14.97
N LYS A 100 -19.73 -6.27 -13.74
CA LYS A 100 -20.79 -5.31 -13.44
C LYS A 100 -20.23 -4.27 -12.47
N PRO A 101 -20.54 -2.96 -12.70
CA PRO A 101 -20.07 -1.89 -11.81
C PRO A 101 -20.57 -2.07 -10.38
N PRO A 102 -19.71 -1.88 -9.34
CA PRO A 102 -20.16 -1.87 -7.95
C PRO A 102 -20.88 -0.55 -7.61
N GLU A 103 -21.71 -0.57 -6.57
CA GLU A 103 -22.21 0.66 -5.96
C GLU A 103 -21.08 1.21 -5.08
N ILE A 104 -20.84 2.52 -5.16
CA ILE A 104 -19.72 3.10 -4.41
C ILE A 104 -20.29 3.81 -3.17
N ASP A 105 -19.85 3.31 -2.01
CA ASP A 105 -20.02 3.94 -0.72
C ASP A 105 -19.56 5.40 -0.80
N PRO A 106 -20.47 6.40 -0.68
CA PRO A 106 -20.06 7.80 -0.74
C PRO A 106 -19.21 8.26 0.46
N ASN A 107 -19.05 7.38 1.46
CA ASN A 107 -18.18 7.62 2.61
C ASN A 107 -16.74 7.21 2.30
N TRP A 108 -16.56 6.32 1.31
CA TRP A 108 -15.27 5.65 1.02
C TRP A 108 -14.93 5.69 -0.48
N ARG A 109 -15.45 6.71 -1.17
CA ARG A 109 -15.40 6.85 -2.63
C ARG A 109 -13.99 6.61 -3.19
N TYR A 110 -12.98 7.22 -2.54
CA TYR A 110 -11.66 7.38 -3.14
C TYR A 110 -10.72 6.24 -2.72
N THR A 111 -11.17 5.34 -1.84
CA THR A 111 -10.41 4.09 -1.64
C THR A 111 -10.69 3.10 -2.79
N ALA A 112 -11.82 3.27 -3.48
CA ALA A 112 -12.19 2.38 -4.61
C ALA A 112 -11.47 2.82 -5.89
N SER A 113 -11.35 4.14 -6.10
CA SER A 113 -10.71 4.73 -7.30
C SER A 113 -10.43 6.22 -7.06
N VAL A 114 -9.29 6.72 -7.59
CA VAL A 114 -9.04 8.17 -7.70
C VAL A 114 -9.76 8.76 -8.93
N VAL A 115 -10.27 7.89 -9.82
CA VAL A 115 -11.04 8.27 -11.01
C VAL A 115 -12.36 7.50 -10.99
N PRO A 116 -13.25 7.77 -10.02
CA PRO A 116 -14.45 6.95 -9.82
C PRO A 116 -15.42 6.93 -11.02
N ASP A 117 -15.36 7.92 -11.92
CA ASP A 117 -16.15 7.92 -13.17
C ASP A 117 -15.87 6.65 -13.98
N VAL A 118 -14.60 6.22 -13.99
CA VAL A 118 -14.22 5.00 -14.72
C VAL A 118 -14.92 3.77 -14.11
N LEU A 119 -14.75 3.59 -12.79
CA LEU A 119 -15.14 2.37 -12.08
C LEU A 119 -16.66 2.15 -12.15
N GLU A 120 -17.42 3.21 -12.41
CA GLU A 120 -18.87 3.13 -12.38
C GLU A 120 -19.38 2.65 -13.75
N ARG A 121 -18.47 2.55 -14.73
CA ARG A 121 -18.84 2.08 -16.08
C ARG A 121 -18.01 0.82 -16.42
N ASN A 122 -16.72 0.83 -16.12
CA ASN A 122 -15.79 -0.14 -16.70
C ASN A 122 -14.92 -0.75 -15.59
N LEU A 123 -14.43 -1.96 -15.85
CA LEU A 123 -13.39 -2.57 -15.04
C LEU A 123 -12.13 -1.70 -15.08
N GLN A 124 -11.52 -1.51 -13.90
CA GLN A 124 -10.34 -0.64 -13.73
C GLN A 124 -9.23 -1.43 -13.03
N SER A 125 -7.97 -1.13 -13.40
CA SER A 125 -6.80 -1.63 -12.70
C SER A 125 -5.72 -0.52 -12.65
N ASP A 126 -5.08 -0.34 -11.49
CA ASP A 126 -4.16 0.79 -11.28
C ASP A 126 -2.72 0.27 -11.34
N TYR A 127 -1.88 1.00 -12.08
CA TYR A 127 -0.43 0.84 -12.13
C TYR A 127 -0.04 -0.36 -13.02
N PHE A 128 -0.73 -1.50 -12.90
CA PHE A 128 -0.37 -2.68 -13.70
C PHE A 128 -1.56 -3.62 -13.85
N VAL A 129 -1.42 -4.54 -14.81
CA VAL A 129 -2.40 -5.59 -15.07
C VAL A 129 -1.64 -6.81 -15.64
N ALA A 130 -2.06 -8.02 -15.23
CA ALA A 130 -1.40 -9.27 -15.67
C ALA A 130 -2.42 -10.22 -16.31
N GLU A 131 -1.95 -10.99 -17.29
CA GLU A 131 -2.60 -12.23 -17.80
C GLU A 131 -1.56 -13.34 -17.84
N GLU A 132 -2.03 -14.58 -18.02
CA GLU A 132 -1.17 -15.76 -18.23
C GLU A 132 -0.14 -15.43 -19.32
N GLY A 133 1.15 -15.36 -18.93
CA GLY A 133 2.25 -15.25 -19.88
C GLY A 133 2.62 -13.81 -20.24
N LYS A 134 1.92 -12.81 -19.68
CA LYS A 134 2.07 -11.38 -20.08
C LYS A 134 1.85 -10.41 -18.90
N VAL A 135 2.65 -9.35 -18.82
CA VAL A 135 2.42 -8.26 -17.83
C VAL A 135 2.43 -6.92 -18.58
N TYR A 136 1.47 -6.04 -18.26
CA TYR A 136 1.50 -4.62 -18.64
C TYR A 136 1.63 -3.75 -17.38
N GLY A 137 2.63 -2.85 -17.31
CA GLY A 137 2.91 -2.09 -16.06
C GLY A 137 3.68 -0.79 -16.24
N PHE A 138 3.24 0.25 -15.52
CA PHE A 138 3.99 1.51 -15.46
C PHE A 138 5.03 1.43 -14.34
N LEU A 139 6.17 2.12 -14.54
CA LEU A 139 7.31 2.05 -13.64
C LEU A 139 7.24 3.15 -12.58
N SER A 140 6.31 4.09 -12.72
CA SER A 140 6.26 5.20 -11.78
C SER A 140 4.88 5.87 -11.80
N SER A 141 4.60 6.66 -10.75
CA SER A 141 3.50 7.62 -10.68
C SER A 141 3.99 8.88 -9.93
N LYS A 142 4.67 9.77 -10.65
CA LYS A 142 5.26 10.95 -10.02
C LYS A 142 4.38 12.18 -10.32
N ILE A 143 3.76 12.21 -11.50
CA ILE A 143 2.91 13.33 -11.91
C ILE A 143 1.49 12.83 -12.25
N ALA A 144 1.41 11.84 -13.14
CA ALA A 144 0.13 11.34 -13.56
C ALA A 144 -0.20 10.05 -12.78
N HIS A 145 -1.49 9.73 -12.72
CA HIS A 145 -1.99 8.46 -12.21
C HIS A 145 -2.17 7.49 -13.39
N PRO A 146 -1.38 6.39 -13.44
CA PRO A 146 -1.47 5.41 -14.52
C PRO A 146 -2.45 4.27 -14.18
N PHE A 147 -3.44 4.04 -15.06
CA PHE A 147 -4.43 2.98 -14.86
C PHE A 147 -4.78 2.30 -16.20
N PHE A 148 -5.48 1.17 -16.09
CA PHE A 148 -6.06 0.42 -17.19
C PHE A 148 -7.59 0.38 -17.06
N ALA A 149 -8.27 0.39 -18.21
CA ALA A 149 -9.69 0.13 -18.30
C ALA A 149 -9.98 -0.88 -19.43
N VAL A 150 -10.99 -1.73 -19.19
CA VAL A 150 -11.54 -2.62 -20.21
C VAL A 150 -12.79 -1.99 -20.82
N GLU A 151 -12.68 -1.59 -22.08
CA GLU A 151 -13.71 -0.86 -22.80
C GLU A 151 -14.14 -1.68 -24.03
N ASP A 152 -15.33 -2.30 -23.94
CA ASP A 152 -15.93 -3.03 -25.06
C ASP A 152 -14.93 -4.03 -25.68
N GLY A 153 -14.29 -4.85 -24.83
CA GLY A 153 -13.42 -5.95 -25.31
C GLY A 153 -11.97 -5.52 -25.59
N GLU A 154 -11.65 -4.24 -25.39
CA GLU A 154 -10.27 -3.74 -25.53
C GLU A 154 -9.75 -3.33 -24.15
N LEU A 155 -8.47 -3.61 -23.90
CA LEU A 155 -7.77 -3.16 -22.71
C LEU A 155 -7.02 -1.86 -23.07
N VAL A 156 -7.21 -0.81 -22.27
CA VAL A 156 -6.72 0.52 -22.60
C VAL A 156 -5.96 1.11 -21.40
N ALA A 157 -4.72 1.56 -21.67
CA ALA A 157 -3.87 2.16 -20.65
C ALA A 157 -3.84 3.67 -20.84
N TYR A 158 -4.03 4.38 -19.73
CA TYR A 158 -4.17 5.82 -19.69
C TYR A 158 -3.19 6.40 -18.66
N LEU A 159 -2.78 7.66 -18.88
CA LEU A 159 -2.19 8.53 -17.84
C LEU A 159 -3.12 9.73 -17.63
N GLU A 160 -3.63 9.88 -16.40
CA GLU A 160 -4.55 10.94 -16.00
C GLU A 160 -3.74 12.11 -15.42
N TYR A 161 -3.88 13.30 -16.02
CA TYR A 161 -3.12 14.54 -15.61
C TYR A 161 -4.06 15.55 -14.92
N PHE A 162 -5.33 15.17 -14.70
CA PHE A 162 -6.27 15.89 -13.85
C PHE A 162 -6.38 17.39 -14.23
N ASP A 163 -6.33 17.70 -15.53
CA ASP A 163 -6.60 19.07 -16.08
C ASP A 163 -5.49 20.09 -15.78
N VAL A 164 -4.30 19.62 -15.40
CA VAL A 164 -3.13 20.47 -15.24
C VAL A 164 -2.54 20.80 -16.63
N GLU A 165 -2.11 22.05 -16.84
CA GLU A 165 -1.32 22.47 -18.00
C GLU A 165 0.17 22.55 -17.62
N PHE A 166 1.04 22.17 -18.57
CA PHE A 166 2.50 22.25 -18.42
C PHE A 166 3.08 23.14 -19.54
N ASP A 167 3.76 24.23 -19.15
CA ASP A 167 4.32 25.18 -20.13
C ASP A 167 5.54 24.55 -20.80
N ASP A 168 6.32 23.78 -20.04
CA ASP A 168 7.48 23.07 -20.54
C ASP A 168 7.24 21.57 -20.39
N PHE A 169 8.14 20.78 -20.99
CA PHE A 169 8.08 19.33 -21.03
C PHE A 169 8.29 18.74 -19.63
N VAL A 170 7.55 17.66 -19.36
CA VAL A 170 7.76 16.81 -18.21
C VAL A 170 7.83 15.37 -18.69
N PRO A 171 8.53 14.49 -17.96
CA PRO A 171 8.62 13.07 -18.30
C PRO A 171 7.27 12.34 -18.18
N LEU A 172 7.02 11.44 -19.14
CA LEU A 172 5.99 10.41 -19.05
C LEU A 172 6.34 9.44 -17.93
N GLU A 173 5.31 8.83 -17.34
CA GLU A 173 5.50 7.62 -16.56
C GLU A 173 5.76 6.49 -17.54
N PRO A 174 6.95 5.84 -17.48
CA PRO A 174 7.29 4.76 -18.43
C PRO A 174 6.37 3.54 -18.28
N LEU A 175 6.08 2.89 -19.42
CA LEU A 175 5.30 1.64 -19.51
C LEU A 175 6.16 0.49 -20.07
N VAL A 176 5.96 -0.72 -19.55
CA VAL A 176 6.64 -1.87 -20.12
C VAL A 176 5.59 -2.93 -20.43
N VAL A 177 5.84 -3.68 -21.52
CA VAL A 177 5.03 -4.83 -21.95
C VAL A 177 5.97 -6.03 -21.99
N LEU A 178 5.71 -7.06 -21.17
CA LEU A 178 6.64 -8.19 -20.99
C LEU A 178 5.91 -9.50 -21.28
N GLU A 179 6.61 -10.44 -21.95
CA GLU A 179 6.00 -11.68 -22.44
C GLU A 179 6.96 -12.86 -22.18
N ASP A 180 6.44 -13.90 -21.53
CA ASP A 180 7.17 -15.14 -21.18
C ASP A 180 6.20 -16.09 -20.49
N PRO A 181 6.31 -17.42 -20.71
CA PRO A 181 5.45 -18.40 -20.03
C PRO A 181 5.34 -18.27 -18.51
N ASN A 182 6.44 -17.88 -17.86
CA ASN A 182 6.52 -17.84 -16.40
C ASN A 182 6.02 -16.48 -15.88
N THR A 183 4.72 -16.38 -15.61
CA THR A 183 4.11 -15.09 -15.18
C THR A 183 4.68 -14.62 -13.84
N PRO A 184 4.89 -15.50 -12.84
CA PRO A 184 5.57 -15.09 -11.61
C PRO A 184 6.88 -14.32 -11.85
N LEU A 185 7.65 -14.78 -12.82
CA LEU A 185 8.93 -14.20 -13.12
C LEU A 185 8.73 -12.83 -13.77
N LEU A 186 7.71 -12.67 -14.62
CA LEU A 186 7.41 -11.38 -15.24
C LEU A 186 7.14 -10.32 -14.15
N LEU A 187 6.31 -10.65 -13.15
CA LEU A 187 5.90 -9.71 -12.06
C LEU A 187 7.12 -9.33 -11.21
N GLU A 188 7.96 -10.33 -10.88
CA GLU A 188 9.20 -10.10 -10.14
C GLU A 188 10.14 -9.18 -10.93
N LYS A 189 10.15 -9.37 -12.26
CA LYS A 189 10.97 -8.55 -13.16
C LYS A 189 10.40 -7.13 -13.27
N TYR A 190 9.07 -7.02 -13.46
CA TYR A 190 8.39 -5.71 -13.51
C TYR A 190 8.77 -4.89 -12.27
N ALA A 191 8.73 -5.55 -11.10
CA ALA A 191 8.91 -4.89 -9.81
C ALA A 191 10.37 -4.44 -9.64
N GLU A 192 11.31 -5.18 -10.25
CA GLU A 192 12.73 -4.83 -10.18
C GLU A 192 12.95 -3.52 -10.93
N LEU A 193 12.30 -3.41 -12.10
CA LEU A 193 12.39 -2.19 -12.90
C LEU A 193 11.78 -1.02 -12.13
N VAL A 194 10.67 -1.25 -11.42
CA VAL A 194 10.02 -0.23 -10.61
C VAL A 194 10.99 0.23 -9.53
N GLY A 195 11.65 -0.74 -8.89
CA GLY A 195 12.62 -0.48 -7.83
C GLY A 195 13.75 0.45 -8.28
N MET A 196 14.30 0.15 -9.46
N MET A 196 14.32 0.18 -9.46
CA MET A 196 15.41 0.89 -10.07
CA MET A 196 15.45 0.99 -9.94
C MET A 196 14.95 2.31 -10.45
C MET A 196 14.95 2.35 -10.45
N GLU A 197 13.76 2.40 -11.06
CA GLU A 197 13.22 3.67 -11.55
C GLU A 197 13.02 4.67 -10.39
N ASN A 198 12.71 4.17 -9.18
CA ASN A 198 12.26 5.03 -8.04
C ASN A 198 13.22 5.04 -6.83
N ASN A 199 14.42 4.46 -6.98
N ASN A 199 14.43 4.46 -7.00
CA ASN A 199 15.45 4.44 -5.91
CA ASN A 199 15.46 4.42 -5.94
C ASN A 199 14.86 3.78 -4.65
C ASN A 199 14.85 3.80 -4.68
N ALA A 200 14.21 2.64 -4.82
CA ALA A 200 13.50 1.97 -3.74
C ALA A 200 14.41 1.87 -2.51
N ARG A 201 13.78 1.98 -1.33
CA ARG A 201 14.41 1.69 -0.04
C ARG A 201 14.06 0.25 0.33
N VAL A 202 15.10 -0.58 0.50
CA VAL A 202 14.94 -1.96 0.96
C VAL A 202 15.94 -2.21 2.08
N PRO A 203 15.55 -2.00 3.35
CA PRO A 203 16.49 -2.19 4.47
C PRO A 203 17.07 -3.60 4.45
N LYS A 204 18.33 -3.73 4.88
CA LYS A 204 19.00 -5.00 5.09
C LYS A 204 18.39 -5.74 6.29
N HIS A 205 17.92 -4.99 7.29
CA HIS A 205 17.33 -5.56 8.53
C HIS A 205 15.81 -5.36 8.56
N THR A 206 15.07 -6.42 8.92
CA THR A 206 13.61 -6.40 9.11
C THR A 206 13.26 -6.34 10.60
N PRO A 207 12.47 -5.32 11.06
CA PRO A 207 12.04 -5.25 12.45
C PRO A 207 10.98 -6.31 12.81
N THR A 208 11.08 -6.86 14.03
CA THR A 208 9.97 -7.49 14.73
C THR A 208 9.41 -6.50 15.76
N GLY A 209 8.20 -6.78 16.28
CA GLY A 209 7.57 -5.84 17.20
C GLY A 209 6.17 -6.21 17.65
N TRP A 210 5.56 -5.26 18.36
CA TRP A 210 4.22 -5.32 18.94
C TRP A 210 3.42 -4.08 18.51
N CYS A 211 2.11 -4.28 18.32
CA CYS A 211 1.12 -3.26 17.90
C CYS A 211 -0.15 -3.42 18.78
N SER A 212 -0.73 -2.31 19.23
CA SER A 212 -1.87 -2.34 20.17
C SER A 212 -3.19 -2.72 19.47
N TRP A 213 -3.30 -2.42 18.17
CA TRP A 213 -4.63 -2.28 17.51
C TRP A 213 -5.49 -3.56 17.65
N TYR A 214 -4.97 -4.72 17.26
CA TYR A 214 -5.80 -5.89 16.97
C TYR A 214 -6.23 -6.65 18.24
N HIS A 215 -5.95 -6.09 19.42
CA HIS A 215 -6.58 -6.52 20.68
C HIS A 215 -7.43 -5.40 21.29
N TYR A 216 -6.82 -4.23 21.47
CA TYR A 216 -7.42 -3.20 22.29
C TYR A 216 -8.26 -2.23 21.43
N PHE A 217 -7.91 -2.08 20.15
CA PHE A 217 -8.61 -1.14 19.24
C PHE A 217 -8.62 0.26 19.87
N LEU A 218 -9.73 1.00 19.71
CA LEU A 218 -9.83 2.38 20.20
C LEU A 218 -9.85 2.46 21.73
N ASP A 219 -9.97 1.32 22.44
CA ASP A 219 -10.13 1.29 23.93
C ASP A 219 -8.78 1.01 24.64
N LEU A 220 -7.64 1.09 23.95
CA LEU A 220 -6.33 0.94 24.64
C LEU A 220 -6.25 1.97 25.78
N THR A 221 -5.84 1.50 26.97
CA THR A 221 -5.46 2.36 28.12
C THR A 221 -3.95 2.33 28.33
N TRP A 222 -3.42 3.40 28.93
CA TRP A 222 -2.03 3.49 29.34
C TRP A 222 -1.76 2.45 30.43
N GLU A 223 -2.72 2.22 31.30
CA GLU A 223 -2.64 1.12 32.29
C GLU A 223 -2.32 -0.21 31.58
N GLU A 224 -3.05 -0.50 30.50
CA GLU A 224 -2.85 -1.76 29.78
C GLU A 224 -1.52 -1.72 29.02
N THR A 225 -1.16 -0.54 28.50
CA THR A 225 0.12 -0.39 27.78
C THR A 225 1.28 -0.74 28.72
N LEU A 226 1.24 -0.24 29.95
CA LEU A 226 2.35 -0.43 30.90
C LEU A 226 2.47 -1.93 31.21
N LYS A 227 1.32 -2.62 31.27
CA LYS A 227 1.26 -4.06 31.59
CA LYS A 227 1.29 -4.05 31.59
C LYS A 227 1.95 -4.86 30.48
N ASN A 228 1.65 -4.50 29.23
CA ASN A 228 2.20 -5.20 28.06
C ASN A 228 3.70 -4.90 27.91
N LEU A 229 4.10 -3.68 28.30
CA LEU A 229 5.49 -3.22 28.21
C LEU A 229 6.38 -4.16 29.03
N LYS A 230 5.87 -4.60 30.18
CA LYS A 230 6.64 -5.42 31.10
CA LYS A 230 6.63 -5.42 31.11
C LYS A 230 6.73 -6.85 30.53
N LEU A 231 5.60 -7.37 30.04
CA LEU A 231 5.49 -8.75 29.52
C LEU A 231 6.34 -8.94 28.25
N ALA A 232 6.57 -7.86 27.50
CA ALA A 232 7.22 -7.90 26.18
C ALA A 232 8.72 -8.21 26.30
N LYS A 233 9.26 -8.17 27.52
CA LYS A 233 10.66 -8.51 27.75
C LYS A 233 10.88 -10.03 27.57
N ASN A 234 9.79 -10.81 27.62
CA ASN A 234 9.83 -12.29 27.43
C ASN A 234 9.57 -12.69 25.98
N PHE A 235 9.28 -11.73 25.09
CA PHE A 235 8.99 -12.01 23.67
C PHE A 235 10.08 -11.35 22.81
N PRO A 236 10.39 -11.87 21.59
CA PRO A 236 11.45 -11.31 20.75
C PRO A 236 10.99 -10.11 19.90
N PHE A 237 10.70 -8.99 20.58
CA PHE A 237 10.24 -7.77 19.94
C PHE A 237 11.35 -6.70 20.00
N GLU A 238 11.64 -6.07 18.87
CA GLU A 238 12.49 -4.90 18.81
C GLU A 238 11.65 -3.62 19.04
N VAL A 239 10.51 -3.52 18.35
CA VAL A 239 9.71 -2.29 18.29
C VAL A 239 8.46 -2.46 19.17
N PHE A 240 8.04 -1.38 19.84
CA PHE A 240 6.78 -1.28 20.59
C PHE A 240 5.97 -0.07 20.07
N GLN A 241 4.84 -0.36 19.40
CA GLN A 241 4.11 0.63 18.58
C GLN A 241 2.71 0.89 19.15
N ILE A 242 2.47 2.14 19.60
CA ILE A 242 1.12 2.59 20.00
C ILE A 242 0.31 2.89 18.74
N ASP A 243 -0.90 2.32 18.62
CA ASP A 243 -1.78 2.57 17.44
C ASP A 243 -2.85 3.60 17.84
N ASP A 244 -3.84 3.79 16.96
CA ASP A 244 -5.01 4.69 17.14
C ASP A 244 -5.67 4.42 18.51
N ALA A 245 -5.78 5.48 19.33
CA ALA A 245 -6.33 5.41 20.71
C ALA A 245 -5.85 6.61 21.57
N TYR A 246 -4.58 7.00 21.44
CA TYR A 246 -3.93 7.93 22.36
C TYR A 246 -4.35 9.37 22.09
N GLU A 247 -4.69 9.68 20.83
CA GLU A 247 -4.69 11.06 20.34
C GLU A 247 -6.01 11.74 20.72
N LYS A 248 -5.96 13.06 20.85
CA LYS A 248 -7.12 13.89 21.16
C LYS A 248 -8.16 13.81 20.03
N ASP A 249 -7.71 14.06 18.80
CA ASP A 249 -8.56 14.07 17.62
C ASP A 249 -7.67 13.81 16.40
N ILE A 250 -8.30 13.52 15.26
CA ILE A 250 -7.62 13.29 14.00
C ILE A 250 -7.07 14.64 13.51
N GLY A 251 -5.75 14.81 13.65
CA GLY A 251 -5.06 16.02 13.29
C GLY A 251 -4.31 16.61 14.49
N ASP A 252 -4.75 16.25 15.70
CA ASP A 252 -4.18 16.82 16.91
C ASP A 252 -3.25 15.77 17.54
N TRP A 253 -2.10 15.55 16.88
CA TRP A 253 -1.26 14.38 17.14
C TRP A 253 -0.36 14.56 18.37
N LEU A 254 -0.25 15.79 18.89
CA LEU A 254 0.71 16.11 19.99
C LEU A 254 -0.04 16.37 21.29
N VAL A 255 -1.34 16.03 21.29
CA VAL A 255 -2.22 16.14 22.46
C VAL A 255 -2.88 14.77 22.69
N THR A 256 -2.83 14.29 23.93
CA THR A 256 -3.37 12.99 24.31
C THR A 256 -4.69 13.16 25.06
N ARG A 257 -5.40 12.05 25.23
CA ARG A 257 -6.69 11.97 25.88
C ARG A 257 -6.64 10.86 26.94
N GLY A 258 -7.73 10.71 27.70
CA GLY A 258 -7.93 9.61 28.63
C GLY A 258 -6.84 9.58 29.71
N ASP A 259 -6.33 8.38 30.00
CA ASP A 259 -5.36 8.17 31.09
C ASP A 259 -3.92 8.21 30.55
N PHE A 260 -3.73 8.71 29.33
CA PHE A 260 -2.41 8.70 28.69
C PHE A 260 -1.59 9.88 29.20
N PRO A 261 -0.25 9.78 29.31
CA PRO A 261 0.59 10.93 29.61
C PRO A 261 0.82 11.77 28.34
N SER A 262 1.80 12.68 28.38
CA SER A 262 2.22 13.37 27.16
C SER A 262 2.82 12.39 26.14
N VAL A 263 2.79 12.78 24.87
CA VAL A 263 3.38 12.02 23.76
C VAL A 263 4.90 11.85 23.98
N GLU A 264 5.54 12.85 24.60
CA GLU A 264 6.97 12.80 24.89
C GLU A 264 7.25 11.78 26.00
N GLU A 265 6.33 11.71 26.96
CA GLU A 265 6.48 10.89 28.15
C GLU A 265 6.30 9.42 27.75
N MET A 266 5.41 9.15 26.78
CA MET A 266 5.21 7.76 26.28
C MET A 266 6.51 7.25 25.66
N ALA A 267 7.13 8.07 24.80
CA ALA A 267 8.35 7.70 24.07
C ALA A 267 9.49 7.39 25.05
N LYS A 268 9.64 8.25 26.06
CA LYS A 268 10.67 8.10 27.06
C LYS A 268 10.50 6.79 27.84
N VAL A 269 9.26 6.42 28.18
CA VAL A 269 8.97 5.20 28.94
C VAL A 269 9.25 3.96 28.07
N ILE A 270 8.90 4.03 26.79
CA ILE A 270 9.05 2.85 25.95
C ILE A 270 10.56 2.59 25.77
N ALA A 271 11.32 3.66 25.56
CA ALA A 271 12.79 3.58 25.39
C ALA A 271 13.44 3.00 26.65
N GLU A 272 13.05 3.46 27.84
CA GLU A 272 13.68 3.00 29.10
C GLU A 272 13.48 1.49 29.26
N ASN A 273 12.39 0.98 28.68
CA ASN A 273 12.03 -0.44 28.79
C ASN A 273 12.86 -1.27 27.80
N GLY A 274 13.63 -0.60 26.93
CA GLY A 274 14.59 -1.25 26.01
C GLY A 274 14.03 -1.49 24.60
N PHE A 275 13.01 -0.73 24.20
CA PHE A 275 12.37 -0.92 22.89
C PHE A 275 12.51 0.36 22.06
N ILE A 276 12.43 0.19 20.73
CA ILE A 276 12.27 1.27 19.78
C ILE A 276 10.83 1.77 19.82
N PRO A 277 10.58 3.03 20.23
CA PRO A 277 9.23 3.57 20.29
C PRO A 277 8.62 3.74 18.88
N GLY A 278 7.38 3.27 18.69
CA GLY A 278 6.65 3.50 17.44
C GLY A 278 5.29 4.14 17.69
N ILE A 279 4.75 4.83 16.67
CA ILE A 279 3.51 5.61 16.86
C ILE A 279 2.74 5.71 15.54
N TRP A 280 1.42 5.52 15.64
CA TRP A 280 0.47 5.66 14.54
C TRP A 280 0.08 7.14 14.37
N THR A 281 0.03 7.63 13.14
CA THR A 281 -0.74 8.84 12.79
C THR A 281 -1.50 8.64 11.46
N ALA A 282 -2.45 9.55 11.17
CA ALA A 282 -3.06 9.68 9.83
C ALA A 282 -2.79 11.09 9.30
N PRO A 283 -1.54 11.38 8.87
CA PRO A 283 -1.01 12.74 8.87
C PRO A 283 -1.54 13.69 7.80
N PHE A 284 -2.22 13.15 6.77
CA PHE A 284 -2.80 13.95 5.73
C PHE A 284 -4.29 14.21 6.01
N SER A 285 -4.78 13.76 7.17
CA SER A 285 -6.20 13.83 7.58
C SER A 285 -6.38 14.80 8.76
N VAL A 286 -7.46 15.60 8.70
CA VAL A 286 -7.91 16.45 9.81
C VAL A 286 -9.45 16.37 9.88
N SER A 287 -9.98 16.12 11.08
CA SER A 287 -11.44 15.97 11.29
C SER A 287 -12.15 17.34 11.37
N GLU A 288 -13.47 17.33 11.17
CA GLU A 288 -14.29 18.52 11.29
C GLU A 288 -14.27 19.07 12.72
N THR A 289 -13.89 18.23 13.70
CA THR A 289 -13.94 18.59 15.10
C THR A 289 -12.56 19.00 15.64
N SER A 290 -11.50 18.73 14.89
CA SER A 290 -10.12 18.89 15.39
C SER A 290 -9.76 20.37 15.62
N ASP A 291 -8.75 20.59 16.46
CA ASP A 291 -8.21 21.93 16.76
C ASP A 291 -7.61 22.55 15.49
N VAL A 292 -6.81 21.77 14.77
CA VAL A 292 -6.02 22.27 13.66
C VAL A 292 -6.96 22.65 12.50
N PHE A 293 -8.09 21.95 12.34
CA PHE A 293 -9.03 22.34 11.29
C PHE A 293 -9.68 23.68 11.63
N ASN A 294 -10.12 23.84 12.89
CA ASN A 294 -10.89 25.04 13.29
C ASN A 294 -9.97 26.27 13.35
N GLU A 295 -8.69 26.05 13.61
CA GLU A 295 -7.67 27.13 13.57
C GLU A 295 -7.38 27.55 12.13
N HIS A 296 -7.39 26.57 11.21
CA HIS A 296 -6.77 26.69 9.87
C HIS A 296 -7.64 25.98 8.84
N PRO A 297 -8.93 26.40 8.71
CA PRO A 297 -9.86 25.81 7.73
C PRO A 297 -9.45 25.94 6.26
N ASP A 298 -8.55 26.88 5.95
CA ASP A 298 -8.13 27.15 4.57
C ASP A 298 -6.98 26.21 4.17
N TRP A 299 -6.54 25.33 5.08
CA TRP A 299 -5.41 24.39 4.83
C TRP A 299 -5.88 23.15 4.05
N VAL A 300 -7.18 23.02 3.76
CA VAL A 300 -7.75 21.75 3.23
C VAL A 300 -8.15 21.91 1.76
N VAL A 301 -8.20 20.75 1.09
CA VAL A 301 -8.66 20.62 -0.26
C VAL A 301 -10.15 21.00 -0.29
N LYS A 302 -10.59 21.55 -1.43
CA LYS A 302 -11.86 22.26 -1.56
C LYS A 302 -12.66 21.80 -2.78
N GLU A 303 -13.98 22.01 -2.69
CA GLU A 303 -14.94 21.87 -3.78
C GLU A 303 -15.88 23.09 -3.76
N ASN A 304 -15.89 23.84 -4.86
CA ASN A 304 -16.67 25.09 -4.98
C ASN A 304 -16.35 26.01 -3.78
N GLY A 305 -15.07 26.06 -3.40
CA GLY A 305 -14.54 26.98 -2.40
C GLY A 305 -14.77 26.52 -0.97
N GLU A 306 -15.41 25.35 -0.80
CA GLU A 306 -15.78 24.80 0.51
C GLU A 306 -14.96 23.53 0.77
N PRO A 307 -14.72 23.15 2.05
CA PRO A 307 -13.96 21.95 2.36
C PRO A 307 -14.59 20.67 1.81
N LYS A 308 -13.79 19.87 1.11
CA LYS A 308 -14.29 18.65 0.45
C LYS A 308 -14.00 17.44 1.34
N MET A 309 -15.06 16.70 1.67
CA MET A 309 -14.93 15.53 2.54
C MET A 309 -14.07 14.49 1.79
N ALA A 310 -12.97 14.06 2.42
CA ALA A 310 -12.07 13.07 1.83
C ALA A 310 -12.62 11.67 2.10
N TYR A 311 -13.20 11.49 3.29
CA TYR A 311 -13.85 10.25 3.70
C TYR A 311 -14.60 10.52 5.02
N ARG A 312 -15.41 9.55 5.46
CA ARG A 312 -16.05 9.54 6.80
C ARG A 312 -15.56 8.33 7.62
N ASN A 313 -15.09 8.57 8.84
CA ASN A 313 -14.62 7.56 9.75
C ASN A 313 -14.60 8.16 11.16
N TRP A 314 -14.63 7.27 12.17
CA TRP A 314 -14.78 7.68 13.55
C TRP A 314 -16.09 8.47 13.68
N ASN A 315 -17.06 8.19 12.81
CA ASN A 315 -18.36 8.85 12.84
C ASN A 315 -18.19 10.39 12.73
N LYS A 316 -17.26 10.86 11.90
CA LYS A 316 -17.00 12.29 11.64
C LYS A 316 -16.66 12.47 10.16
N LYS A 317 -16.97 13.65 9.61
CA LYS A 317 -16.42 14.10 8.33
C LYS A 317 -14.92 14.34 8.49
N ILE A 318 -14.12 13.78 7.58
CA ILE A 318 -12.65 13.95 7.58
C ILE A 318 -12.20 14.64 6.28
N TYR A 319 -11.39 15.70 6.42
CA TYR A 319 -10.87 16.50 5.30
C TYR A 319 -9.40 16.13 5.02
N ALA A 320 -8.95 16.50 3.81
CA ALA A 320 -7.57 16.27 3.37
C ALA A 320 -6.80 17.58 3.38
N LEU A 321 -5.60 17.56 3.97
CA LEU A 321 -4.66 18.65 3.85
C LEU A 321 -4.26 18.85 2.38
N ASP A 322 -4.12 20.13 2.00
CA ASP A 322 -3.65 20.60 0.69
C ASP A 322 -2.13 20.71 0.75
N LEU A 323 -1.46 19.68 0.22
CA LEU A 323 -0.03 19.54 0.37
C LEU A 323 0.69 20.38 -0.68
N SER A 324 -0.02 21.27 -1.39
CA SER A 324 0.61 22.25 -2.29
C SER A 324 0.97 23.54 -1.53
N LYS A 325 0.44 23.70 -0.31
CA LYS A 325 0.65 24.92 0.49
C LYS A 325 1.88 24.76 1.41
N ASP A 326 2.78 25.74 1.35
CA ASP A 326 3.99 25.78 2.19
C ASP A 326 3.64 25.77 3.68
N GLU A 327 2.54 26.44 4.06
CA GLU A 327 2.11 26.49 5.47
C GLU A 327 1.89 25.07 5.99
N VAL A 328 1.26 24.24 5.15
CA VAL A 328 0.91 22.87 5.50
C VAL A 328 2.18 22.01 5.59
N LEU A 329 3.09 22.13 4.62
CA LEU A 329 4.33 21.33 4.64
C LEU A 329 5.20 21.72 5.85
N ASN A 330 5.24 23.01 6.20
CA ASN A 330 5.97 23.50 7.36
C ASN A 330 5.38 22.85 8.64
N TRP A 331 4.06 22.75 8.70
CA TRP A 331 3.36 22.20 9.85
C TRP A 331 3.69 20.71 9.99
N LEU A 332 3.80 20.00 8.85
CA LEU A 332 4.13 18.57 8.85
C LEU A 332 5.60 18.37 9.27
N PHE A 333 6.51 19.19 8.72
CA PHE A 333 7.92 19.10 9.09
C PHE A 333 8.08 19.31 10.60
N ASP A 334 7.39 20.31 11.15
CA ASP A 334 7.53 20.63 12.59
C ASP A 334 6.98 19.46 13.44
N LEU A 335 5.86 18.84 13.03
CA LEU A 335 5.20 17.73 13.77
C LEU A 335 6.16 16.54 13.88
N PHE A 336 6.67 16.07 12.74
CA PHE A 336 7.44 14.84 12.69
C PHE A 336 8.87 15.08 13.20
N SER A 337 9.37 16.32 13.03
CA SER A 337 10.59 16.78 13.74
C SER A 337 10.44 16.58 15.25
N SER A 338 9.35 17.09 15.82
CA SER A 338 9.13 16.97 17.26
C SER A 338 9.08 15.48 17.68
N LEU A 339 8.36 14.66 16.93
CA LEU A 339 8.23 13.24 17.30
C LEU A 339 9.61 12.59 17.32
N ARG A 340 10.42 12.86 16.28
CA ARG A 340 11.80 12.36 16.20
C ARG A 340 12.59 12.76 17.45
N LYS A 341 12.56 14.07 17.79
CA LYS A 341 13.27 14.61 18.94
C LYS A 341 12.86 13.85 20.22
N MET A 342 11.58 13.49 20.35
CA MET A 342 11.08 12.76 21.53
C MET A 342 11.70 11.35 21.64
N GLY A 343 12.10 10.77 20.50
CA GLY A 343 12.74 9.43 20.47
C GLY A 343 11.99 8.41 19.59
N TYR A 344 10.90 8.80 18.93
CA TYR A 344 10.17 7.88 18.06
C TYR A 344 11.03 7.61 16.83
N ARG A 345 11.23 6.33 16.50
CA ARG A 345 12.04 5.89 15.36
C ARG A 345 11.24 4.97 14.43
N TYR A 346 9.96 4.73 14.72
CA TYR A 346 9.07 3.90 13.90
C TYR A 346 7.72 4.60 13.76
N PHE A 347 7.33 4.88 12.51
CA PHE A 347 6.17 5.70 12.18
C PHE A 347 5.24 4.91 11.24
N LYS A 348 4.06 4.56 11.74
CA LYS A 348 3.00 4.03 10.91
C LYS A 348 2.15 5.22 10.43
N ILE A 349 2.24 5.54 9.15
CA ILE A 349 1.53 6.72 8.60
C ILE A 349 0.39 6.24 7.67
N ASP A 350 -0.84 6.49 8.12
CA ASP A 350 -2.05 5.79 7.67
C ASP A 350 -3.02 6.76 6.95
N PHE A 351 -4.00 6.18 6.25
CA PHE A 351 -5.02 6.90 5.46
C PHE A 351 -4.38 7.89 4.49
N LEU A 352 -3.25 7.51 3.90
CA LEU A 352 -2.48 8.47 3.07
C LEU A 352 -3.22 8.80 1.77
N PHE A 353 -4.18 7.97 1.35
CA PHE A 353 -4.94 8.23 0.14
C PHE A 353 -5.60 9.62 0.20
N ALA A 354 -5.90 10.09 1.40
CA ALA A 354 -6.50 11.41 1.62
C ALA A 354 -5.68 12.49 0.92
N GLY A 355 -4.35 12.39 0.99
CA GLY A 355 -3.45 13.40 0.41
C GLY A 355 -3.54 13.52 -1.11
N ALA A 356 -4.12 12.51 -1.75
CA ALA A 356 -4.24 12.39 -3.24
C ALA A 356 -5.69 12.49 -3.72
N VAL A 357 -6.61 12.98 -2.90
CA VAL A 357 -7.99 13.12 -3.38
C VAL A 357 -8.02 14.17 -4.48
N PRO A 358 -8.79 13.95 -5.56
CA PRO A 358 -9.00 14.98 -6.58
C PRO A 358 -9.73 16.17 -5.92
N GLY A 359 -9.45 17.38 -6.44
CA GLY A 359 -10.11 18.60 -6.00
C GLY A 359 -9.25 19.83 -6.22
N GLU A 360 -9.66 20.94 -5.60
CA GLU A 360 -9.06 22.26 -5.78
C GLU A 360 -8.00 22.48 -4.69
N ARG A 361 -6.78 22.76 -5.15
CA ARG A 361 -5.68 23.08 -4.27
C ARG A 361 -5.16 24.47 -4.63
N LYS A 362 -4.36 25.06 -3.74
CA LYS A 362 -3.75 26.39 -3.89
C LYS A 362 -2.95 26.50 -5.19
N LYS A 363 -1.98 25.60 -5.42
CA LYS A 363 -1.18 25.59 -6.65
C LYS A 363 -1.82 24.62 -7.66
N ASN A 364 -1.66 24.89 -8.96
CA ASN A 364 -2.26 24.08 -10.05
C ASN A 364 -1.33 22.90 -10.39
N ILE A 365 -1.24 21.94 -9.47
CA ILE A 365 -0.47 20.72 -9.65
C ILE A 365 -1.43 19.53 -9.48
N THR A 366 -1.01 18.35 -9.93
CA THR A 366 -1.84 17.16 -9.78
C THR A 366 -1.89 16.73 -8.32
N PRO A 367 -2.92 15.96 -7.95
CA PRO A 367 -3.00 15.33 -6.62
C PRO A 367 -1.81 14.39 -6.31
N ILE A 368 -1.21 13.81 -7.35
CA ILE A 368 -0.08 12.93 -7.19
C ILE A 368 1.15 13.78 -6.85
N GLN A 369 1.29 14.93 -7.53
CA GLN A 369 2.42 15.82 -7.26
C GLN A 369 2.33 16.27 -5.79
N ALA A 370 1.12 16.51 -5.31
CA ALA A 370 0.91 17.02 -3.97
C ALA A 370 1.19 15.93 -2.94
N PHE A 371 0.67 14.72 -3.19
CA PHE A 371 0.95 13.55 -2.39
C PHE A 371 2.46 13.41 -2.14
N ARG A 372 3.25 13.53 -3.21
CA ARG A 372 4.69 13.26 -3.17
C ARG A 372 5.42 14.37 -2.40
N LYS A 373 4.99 15.63 -2.55
CA LYS A 373 5.57 16.70 -1.71
C LYS A 373 5.29 16.38 -0.22
N GLY A 374 4.11 15.81 0.06
CA GLY A 374 3.72 15.45 1.41
C GLY A 374 4.65 14.44 2.07
N ILE A 375 4.82 13.29 1.40
CA ILE A 375 5.49 12.13 2.00
CA ILE A 375 5.48 12.14 2.02
C ILE A 375 7.01 12.39 2.07
N GLU A 376 7.52 13.18 1.11
CA GLU A 376 8.92 13.62 1.11
C GLU A 376 9.21 14.53 2.30
N THR A 377 8.24 15.37 2.69
CA THR A 377 8.44 16.25 3.84
C THR A 377 8.58 15.40 5.11
N ILE A 378 7.76 14.36 5.24
CA ILE A 378 7.79 13.48 6.42
C ILE A 378 9.17 12.82 6.53
N ARG A 379 9.67 12.25 5.43
CA ARG A 379 10.98 11.57 5.39
C ARG A 379 12.12 12.53 5.77
N LYS A 380 12.09 13.74 5.20
CA LYS A 380 13.00 14.81 5.57
C LYS A 380 12.96 15.03 7.09
N ALA A 381 11.77 15.12 7.68
CA ALA A 381 11.62 15.47 9.11
C ALA A 381 12.15 14.35 10.03
N VAL A 382 11.89 13.08 9.70
CA VAL A 382 12.17 11.99 10.64
C VAL A 382 13.59 11.46 10.41
N GLY A 383 14.19 11.79 9.26
CA GLY A 383 15.57 11.45 8.94
C GLY A 383 15.70 10.03 8.39
N GLU A 384 16.96 9.63 8.16
CA GLU A 384 17.32 8.42 7.44
C GLU A 384 17.33 7.20 8.36
N ASP A 385 17.53 7.41 9.66
CA ASP A 385 17.63 6.27 10.59
C ASP A 385 16.25 5.97 11.21
N SER A 386 15.20 6.64 10.72
CA SER A 386 13.82 6.32 11.10
C SER A 386 13.24 5.33 10.07
N PHE A 387 12.39 4.42 10.55
CA PHE A 387 11.67 3.46 9.74
C PHE A 387 10.24 3.99 9.49
N ILE A 388 9.88 4.23 8.22
CA ILE A 388 8.52 4.63 7.86
C ILE A 388 7.73 3.41 7.32
N LEU A 389 6.49 3.29 7.80
CA LEU A 389 5.60 2.24 7.34
C LEU A 389 4.33 2.89 6.79
N GLY A 390 4.08 2.72 5.49
CA GLY A 390 2.87 3.20 4.83
C GLY A 390 1.68 2.28 5.13
N CYS A 391 0.47 2.87 5.14
CA CYS A 391 -0.80 2.15 5.30
C CYS A 391 -1.90 3.03 4.69
N GLY A 392 -2.96 2.40 4.20
CA GLY A 392 -4.04 3.07 3.45
C GLY A 392 -3.54 3.96 2.30
N SER A 393 -2.52 3.50 1.57
CA SER A 393 -1.68 4.37 0.76
C SER A 393 -1.69 4.00 -0.72
N PRO A 394 -1.76 4.99 -1.64
CA PRO A 394 -1.34 4.77 -3.03
C PRO A 394 0.03 4.08 -3.02
N LEU A 395 0.23 3.09 -3.89
CA LEU A 395 1.40 2.22 -3.84
C LEU A 395 2.59 2.84 -4.59
N LEU A 396 2.48 2.97 -5.92
CA LEU A 396 3.61 3.38 -6.78
C LEU A 396 4.20 4.72 -6.30
N PRO A 397 3.39 5.78 -6.07
CA PRO A 397 3.94 7.09 -5.71
C PRO A 397 4.82 7.07 -4.44
N ALA A 398 4.67 6.03 -3.61
CA ALA A 398 5.33 5.94 -2.30
C ALA A 398 6.69 5.25 -2.42
N VAL A 399 6.91 4.55 -3.55
CA VAL A 399 8.15 3.81 -3.73
C VAL A 399 9.32 4.80 -3.70
N GLY A 400 10.33 4.47 -2.90
CA GLY A 400 11.52 5.30 -2.67
C GLY A 400 11.43 6.18 -1.43
N CYS A 401 10.27 6.21 -0.76
CA CYS A 401 10.07 7.08 0.41
CA CYS A 401 10.09 7.08 0.41
C CYS A 401 9.87 6.23 1.67
N VAL A 402 8.97 5.24 1.59
CA VAL A 402 8.65 4.36 2.72
C VAL A 402 9.63 3.18 2.74
N ASP A 403 9.80 2.58 3.92
CA ASP A 403 10.68 1.43 4.09
C ASP A 403 9.87 0.14 4.08
N GLY A 404 8.65 0.21 4.65
CA GLY A 404 7.63 -0.85 4.63
C GLY A 404 6.26 -0.33 4.18
N MET A 405 5.39 -1.24 3.74
CA MET A 405 4.07 -0.87 3.24
C MET A 405 3.09 -2.01 3.51
N ARG A 406 1.98 -1.68 4.20
CA ARG A 406 0.82 -2.54 4.27
C ARG A 406 0.25 -2.71 2.87
N ILE A 407 0.14 -3.98 2.46
CA ILE A 407 -0.23 -4.33 1.10
C ILE A 407 -1.57 -5.09 1.09
N GLY A 408 -2.30 -5.04 2.20
CA GLY A 408 -3.59 -5.69 2.28
C GLY A 408 -4.58 -4.95 3.16
N PRO A 409 -5.88 -5.32 3.09
CA PRO A 409 -6.87 -4.83 4.04
C PRO A 409 -6.57 -5.36 5.46
N ALA A 410 -7.25 -4.79 6.46
CA ALA A 410 -7.03 -5.09 7.86
C ALA A 410 -7.31 -6.57 8.13
N THR A 411 -6.42 -7.23 8.88
CA THR A 411 -6.68 -8.55 9.43
C THR A 411 -7.71 -8.41 10.57
N ALA A 412 -8.00 -9.51 11.29
CA ALA A 412 -9.03 -9.55 12.35
C ALA A 412 -8.89 -10.80 13.20
N PRO A 413 -9.42 -10.83 14.45
CA PRO A 413 -9.45 -12.05 15.27
C PRO A 413 -10.63 -12.98 14.91
N PHE A 414 -10.79 -13.22 13.61
CA PHE A 414 -11.74 -14.15 13.04
C PHE A 414 -11.47 -14.23 11.54
N TRP A 415 -11.72 -15.41 10.95
CA TRP A 415 -11.32 -15.72 9.57
C TRP A 415 -12.12 -14.87 8.60
N GLY A 416 -13.43 -14.75 8.85
CA GLY A 416 -14.34 -14.01 7.97
C GLY A 416 -14.94 -14.89 6.89
N GLU A 417 -15.18 -16.16 7.26
CA GLU A 417 -15.66 -17.20 6.36
C GLU A 417 -16.87 -16.68 5.56
N HIS A 418 -17.58 -15.69 6.10
CA HIS A 418 -18.86 -15.21 5.55
C HIS A 418 -18.80 -13.71 5.27
N ILE A 419 -17.60 -13.19 5.00
CA ILE A 419 -17.39 -11.77 4.74
C ILE A 419 -16.94 -11.59 3.29
N GLU A 420 -17.37 -10.49 2.67
CA GLU A 420 -17.27 -10.26 1.23
C GLU A 420 -16.02 -9.41 0.95
N ASP A 421 -15.39 -9.69 -0.19
CA ASP A 421 -14.10 -9.17 -0.58
C ASP A 421 -14.25 -7.70 -1.00
N ASN A 422 -14.51 -6.84 -0.01
CA ASN A 422 -14.70 -5.41 -0.27
C ASN A 422 -13.56 -4.59 0.34
N GLY A 423 -13.25 -4.86 1.62
CA GLY A 423 -12.22 -4.12 2.36
C GLY A 423 -12.52 -4.08 3.86
N ALA A 424 -13.49 -4.89 4.30
CA ALA A 424 -13.88 -5.03 5.70
C ALA A 424 -12.99 -6.03 6.42
N PRO A 425 -12.44 -5.69 7.60
CA PRO A 425 -11.56 -6.59 8.34
C PRO A 425 -11.94 -8.07 8.22
N ALA A 426 -10.96 -8.88 7.82
CA ALA A 426 -11.07 -10.33 7.79
C ALA A 426 -9.67 -10.90 7.52
N ALA A 427 -9.25 -11.87 8.34
CA ALA A 427 -7.97 -12.57 8.16
C ALA A 427 -7.84 -13.09 6.71
N ARG A 428 -8.93 -13.64 6.15
CA ARG A 428 -8.83 -14.41 4.89
C ARG A 428 -8.42 -13.50 3.74
N TRP A 429 -9.01 -12.29 3.66
CA TRP A 429 -8.76 -11.36 2.58
C TRP A 429 -7.44 -10.62 2.78
N ALA A 430 -7.03 -10.39 4.04
CA ALA A 430 -5.72 -9.81 4.34
C ALA A 430 -4.61 -10.71 3.82
N LEU A 431 -4.71 -12.02 4.06
CA LEU A 431 -3.67 -12.99 3.65
C LEU A 431 -3.69 -13.15 2.12
N ARG A 432 -4.88 -13.16 1.53
CA ARG A 432 -5.02 -13.16 0.06
C ARG A 432 -4.10 -12.11 -0.58
N ASN A 433 -4.15 -10.85 -0.12
CA ASN A 433 -3.39 -9.75 -0.77
C ASN A 433 -1.89 -9.92 -0.52
N ALA A 434 -1.50 -10.46 0.65
CA ALA A 434 -0.09 -10.73 0.92
C ALA A 434 0.47 -11.71 -0.13
N ILE A 435 -0.39 -12.64 -0.57
CA ILE A 435 -0.04 -13.67 -1.58
C ILE A 435 0.00 -13.05 -2.99
N THR A 436 -1.07 -12.36 -3.41
CA THR A 436 -1.14 -11.83 -4.77
C THR A 436 -0.24 -10.59 -4.99
N ARG A 437 0.23 -9.92 -3.93
CA ARG A 437 1.17 -8.78 -4.06
C ARG A 437 2.59 -9.16 -3.59
N TYR A 438 2.84 -10.47 -3.43
CA TYR A 438 4.13 -11.05 -2.92
C TYR A 438 5.34 -10.43 -3.61
N PHE A 439 5.16 -10.12 -4.89
CA PHE A 439 6.28 -9.85 -5.80
C PHE A 439 6.87 -8.45 -5.52
N MET A 440 6.14 -7.61 -4.78
CA MET A 440 6.64 -6.29 -4.37
C MET A 440 7.67 -6.42 -3.24
N HIS A 441 7.61 -7.52 -2.49
CA HIS A 441 8.51 -7.66 -1.36
C HIS A 441 9.97 -7.65 -1.84
N ASP A 442 10.82 -6.92 -1.10
CA ASP A 442 12.25 -6.80 -1.32
C ASP A 442 12.56 -6.15 -2.69
N ARG A 443 11.60 -5.40 -3.25
CA ARG A 443 11.81 -4.69 -4.53
C ARG A 443 11.29 -3.24 -4.45
N PHE A 444 10.01 -3.07 -4.09
CA PHE A 444 9.44 -1.74 -3.79
C PHE A 444 9.91 -1.25 -2.42
N TRP A 445 10.01 -2.21 -1.49
CA TRP A 445 9.94 -2.02 -0.04
C TRP A 445 9.86 -3.41 0.62
N LEU A 446 9.81 -3.44 1.96
CA LEU A 446 9.33 -4.60 2.74
C LEU A 446 7.80 -4.63 2.76
N ASN A 447 7.21 -5.76 2.35
CA ASN A 447 5.75 -5.95 2.43
C ASN A 447 5.34 -6.18 3.90
N ASP A 448 4.29 -5.47 4.34
CA ASP A 448 3.63 -5.70 5.64
C ASP A 448 2.29 -6.41 5.40
N PRO A 449 2.19 -7.68 5.88
CA PRO A 449 0.98 -8.50 5.70
C PRO A 449 -0.09 -8.31 6.80
N ASP A 450 0.20 -7.39 7.73
CA ASP A 450 -0.60 -7.07 8.92
C ASP A 450 -0.30 -8.11 10.02
N CYS A 451 -0.80 -7.85 11.23
CA CYS A 451 -0.22 -8.41 12.46
C CYS A 451 -0.68 -9.86 12.66
N LEU A 452 0.17 -10.66 13.31
CA LEU A 452 -0.19 -11.99 13.84
C LEU A 452 -0.99 -11.82 15.14
N ILE A 453 -2.07 -12.61 15.25
CA ILE A 453 -2.93 -12.65 16.39
C ILE A 453 -2.87 -14.07 16.96
N LEU A 454 -2.04 -14.26 17.98
CA LEU A 454 -1.58 -15.58 18.44
C LEU A 454 -2.10 -15.90 19.86
N ARG A 455 -2.93 -15.01 20.43
CA ARG A 455 -3.52 -15.26 21.77
C ARG A 455 -4.45 -16.48 21.74
N GLU A 456 -4.63 -17.10 22.92
CA GLU A 456 -5.36 -18.35 23.16
CA GLU A 456 -5.37 -18.35 23.08
C GLU A 456 -6.84 -18.05 23.45
N GLU A 457 -7.09 -16.89 24.07
CA GLU A 457 -8.45 -16.46 24.47
C GLU A 457 -8.78 -15.11 23.84
N LYS A 458 -10.07 -14.74 23.84
CA LYS A 458 -10.55 -13.43 23.35
C LYS A 458 -10.39 -13.34 21.83
N THR A 459 -10.75 -14.44 21.16
CA THR A 459 -10.50 -14.63 19.74
C THR A 459 -11.44 -15.71 19.20
N ASP A 460 -11.73 -15.68 17.89
CA ASP A 460 -12.47 -16.77 17.23
C ASP A 460 -11.56 -17.60 16.31
N LEU A 461 -10.26 -17.25 16.23
CA LEU A 461 -9.33 -17.95 15.35
C LEU A 461 -8.97 -19.31 15.97
N THR A 462 -9.08 -20.37 15.17
CA THR A 462 -8.64 -21.73 15.55
C THR A 462 -7.11 -21.81 15.46
N GLN A 463 -6.53 -22.80 16.17
CA GLN A 463 -5.08 -23.03 16.14
C GLN A 463 -4.61 -23.24 14.69
N LYS A 464 -5.35 -24.07 13.95
CA LYS A 464 -5.07 -24.31 12.53
C LYS A 464 -4.94 -22.97 11.79
N GLU A 465 -5.94 -22.10 11.94
CA GLU A 465 -5.99 -20.82 11.22
C GLU A 465 -4.77 -19.95 11.60
N LYS A 466 -4.40 -19.96 12.87
CA LYS A 466 -3.24 -19.17 13.36
C LYS A 466 -1.96 -19.66 12.68
N GLU A 467 -1.87 -20.97 12.49
CA GLU A 467 -0.70 -21.60 11.87
C GLU A 467 -0.63 -21.22 10.37
N LEU A 468 -1.77 -21.32 9.68
CA LEU A 468 -1.90 -20.97 8.27
C LEU A 468 -1.38 -19.54 8.04
N TYR A 469 -1.92 -18.57 8.80
CA TYR A 469 -1.60 -17.13 8.60
C TYR A 469 -0.10 -16.90 8.81
N SER A 470 0.43 -17.40 9.94
CA SER A 470 1.76 -17.04 10.43
C SER A 470 2.85 -17.71 9.58
N TYR A 471 2.64 -18.99 9.26
CA TYR A 471 3.62 -19.73 8.45
C TYR A 471 3.66 -19.19 7.03
N THR A 472 2.50 -18.79 6.48
CA THR A 472 2.46 -18.18 5.14
C THR A 472 3.31 -16.89 5.12
N CYS A 473 3.13 -16.00 6.12
CA CYS A 473 3.86 -14.71 6.19
C CYS A 473 5.37 -14.95 6.33
N GLY A 474 5.76 -16.03 7.02
CA GLY A 474 7.18 -16.41 7.21
C GLY A 474 7.87 -16.90 5.95
N VAL A 475 7.20 -17.82 5.23
CA VAL A 475 7.57 -18.22 3.87
C VAL A 475 7.76 -16.97 2.98
N LEU A 476 6.78 -16.05 3.00
CA LEU A 476 6.81 -14.88 2.10
C LEU A 476 7.94 -13.91 2.49
N ASP A 477 8.55 -14.12 3.67
CA ASP A 477 9.68 -13.31 4.17
C ASP A 477 9.20 -11.90 4.59
N ASN A 478 7.89 -11.78 4.87
CA ASN A 478 7.25 -10.48 5.13
C ASN A 478 7.56 -10.01 6.56
N MET A 479 7.33 -8.72 6.84
CA MET A 479 7.41 -8.17 8.22
C MET A 479 6.53 -9.02 9.16
N ILE A 480 7.06 -9.26 10.37
CA ILE A 480 6.38 -10.05 11.43
C ILE A 480 6.17 -9.17 12.68
N ILE A 481 4.93 -8.71 12.87
CA ILE A 481 4.47 -7.92 14.03
C ILE A 481 3.30 -8.66 14.70
N GLU A 482 3.33 -8.80 16.03
CA GLU A 482 2.23 -9.44 16.80
C GLU A 482 1.36 -8.35 17.43
N SER A 483 0.06 -8.62 17.53
CA SER A 483 -0.90 -7.71 18.17
C SER A 483 -1.86 -8.49 19.07
N ASP A 484 -1.55 -8.53 20.37
CA ASP A 484 -2.23 -9.37 21.40
C ASP A 484 -2.10 -8.71 22.78
N ASP A 485 -3.09 -8.96 23.64
CA ASP A 485 -2.87 -8.89 25.08
C ASP A 485 -1.89 -10.02 25.43
N LEU A 486 -0.66 -9.67 25.78
CA LEU A 486 0.41 -10.67 25.88
C LEU A 486 0.15 -11.62 27.08
N SER A 487 -0.76 -11.24 27.98
CA SER A 487 -1.26 -12.11 29.09
C SER A 487 -1.92 -13.38 28.55
N LEU A 488 -2.52 -13.29 27.36
CA LEU A 488 -3.38 -14.34 26.82
C LEU A 488 -2.62 -15.19 25.79
N VAL A 489 -1.31 -15.00 25.68
CA VAL A 489 -0.47 -15.76 24.77
C VAL A 489 0.39 -16.73 25.59
N ARG A 490 0.14 -18.04 25.43
CA ARG A 490 0.80 -19.09 26.21
C ARG A 490 1.65 -19.95 25.26
N ASP A 491 1.58 -21.28 25.40
CA ASP A 491 2.62 -22.16 24.88
C ASP A 491 2.51 -22.28 23.35
N HIS A 492 1.30 -22.58 22.85
CA HIS A 492 1.08 -22.71 21.40
C HIS A 492 1.45 -21.42 20.67
N GLY A 493 1.04 -20.27 21.26
CA GLY A 493 1.19 -18.97 20.63
C GLY A 493 2.64 -18.56 20.52
N LYS A 494 3.42 -18.90 21.55
CA LYS A 494 4.86 -18.65 21.61
C LYS A 494 5.60 -19.53 20.59
N LYS A 495 5.18 -20.80 20.50
CA LYS A 495 5.79 -21.79 19.59
C LYS A 495 5.56 -21.39 18.12
N VAL A 496 4.33 -20.99 17.77
CA VAL A 496 3.98 -20.56 16.40
C VAL A 496 4.87 -19.37 15.98
N LEU A 497 5.09 -18.40 16.88
CA LEU A 497 5.93 -17.22 16.55
C LEU A 497 7.37 -17.69 16.30
N LYS A 498 7.92 -18.50 17.23
CA LYS A 498 9.34 -18.93 17.17
C LYS A 498 9.60 -19.63 15.83
N GLU A 499 8.67 -20.47 15.38
CA GLU A 499 8.79 -21.23 14.14
C GLU A 499 8.65 -20.30 12.92
N THR A 500 7.74 -19.32 13.00
CA THR A 500 7.49 -18.37 11.92
C THR A 500 8.78 -17.57 11.65
N LEU A 501 9.47 -17.16 12.73
CA LEU A 501 10.73 -16.40 12.62
C LEU A 501 11.83 -17.28 12.01
N GLU A 502 11.69 -18.61 12.15
CA GLU A 502 12.62 -19.57 11.56
C GLU A 502 12.41 -19.66 10.04
N LEU A 503 11.26 -19.21 9.55
CA LEU A 503 10.88 -19.39 8.13
C LEU A 503 11.30 -18.17 7.28
N LEU A 504 11.82 -17.11 7.93
CA LEU A 504 12.21 -15.89 7.22
C LEU A 504 13.50 -16.13 6.42
N GLY A 505 13.85 -15.18 5.54
CA GLY A 505 15.21 -15.04 4.99
C GLY A 505 15.33 -15.44 3.53
N GLY A 506 14.29 -16.11 2.99
CA GLY A 506 14.33 -16.67 1.63
C GLY A 506 13.86 -15.69 0.54
N ARG A 507 13.88 -16.18 -0.71
CA ARG A 507 13.34 -15.53 -1.90
C ARG A 507 12.10 -16.29 -2.35
N PRO A 508 10.88 -15.72 -2.17
CA PRO A 508 9.64 -16.46 -2.39
C PRO A 508 9.09 -16.37 -3.82
N ARG A 509 8.18 -17.29 -4.15
CA ARG A 509 7.45 -17.31 -5.42
C ARG A 509 6.10 -17.99 -5.21
N VAL A 510 5.03 -17.33 -5.67
CA VAL A 510 3.72 -17.93 -5.77
C VAL A 510 3.57 -18.49 -7.18
N GLN A 511 3.51 -19.82 -7.29
CA GLN A 511 3.70 -20.50 -8.57
C GLN A 511 2.41 -20.45 -9.41
N ASN A 512 1.25 -20.42 -8.75
CA ASN A 512 -0.03 -20.36 -9.49
C ASN A 512 -0.72 -19.02 -9.21
N ILE A 513 -0.05 -17.93 -9.63
CA ILE A 513 -0.46 -16.55 -9.32
C ILE A 513 -1.81 -16.21 -9.98
N MET A 514 -2.15 -16.90 -11.08
CA MET A 514 -3.39 -16.58 -11.83
C MET A 514 -4.56 -17.46 -11.35
N SER A 515 -4.37 -18.23 -10.27
CA SER A 515 -5.46 -19.07 -9.73
C SER A 515 -6.67 -18.21 -9.32
N GLU A 516 -7.87 -18.78 -9.47
CA GLU A 516 -9.14 -18.11 -9.20
C GLU A 516 -9.90 -18.77 -8.04
N ASP A 517 -9.27 -19.70 -7.30
CA ASP A 517 -10.01 -20.56 -6.35
C ASP A 517 -9.42 -20.51 -4.93
N LEU A 518 -8.57 -19.51 -4.63
CA LEU A 518 -8.08 -19.27 -3.26
C LEU A 518 -7.24 -20.44 -2.75
N ARG A 519 -6.63 -21.21 -3.66
CA ARG A 519 -5.62 -22.19 -3.32
C ARG A 519 -4.32 -21.88 -4.07
N TYR A 520 -3.22 -21.91 -3.34
CA TYR A 520 -1.94 -21.39 -3.77
C TYR A 520 -0.82 -22.34 -3.34
N GLU A 521 0.15 -22.51 -4.25
CA GLU A 521 1.38 -23.23 -4.05
C GLU A 521 2.52 -22.21 -4.06
N ILE A 522 3.28 -22.19 -2.97
CA ILE A 522 4.24 -21.13 -2.67
C ILE A 522 5.56 -21.80 -2.25
N VAL A 523 6.66 -21.37 -2.87
CA VAL A 523 7.99 -21.84 -2.53
C VAL A 523 8.84 -20.65 -2.08
N SER A 524 9.87 -20.95 -1.26
CA SER A 524 10.90 -20.01 -0.91
C SER A 524 12.26 -20.73 -0.81
N SER A 525 13.30 -20.02 -1.24
CA SER A 525 14.66 -20.53 -1.33
C SER A 525 15.58 -19.73 -0.40
N GLY A 526 16.46 -20.45 0.32
CA GLY A 526 17.47 -19.84 1.18
C GLY A 526 16.88 -19.25 2.46
N THR A 527 15.85 -19.90 3.02
CA THR A 527 15.31 -19.53 4.35
C THR A 527 16.24 -20.09 5.42
N LEU A 528 16.07 -19.64 6.67
CA LEU A 528 16.94 -20.08 7.75
C LEU A 528 16.68 -21.57 8.03
N SER A 529 15.64 -22.12 7.40
CA SER A 529 15.29 -23.55 7.48
C SER A 529 15.54 -24.27 6.14
N GLY A 530 16.44 -23.73 5.32
CA GLY A 530 16.67 -24.22 3.95
C GLY A 530 15.59 -23.80 2.98
N ASN A 531 15.26 -24.70 2.04
CA ASN A 531 14.24 -24.45 1.02
C ASN A 531 12.92 -25.06 1.49
N VAL A 532 11.80 -24.34 1.28
CA VAL A 532 10.51 -24.81 1.78
C VAL A 532 9.43 -24.61 0.70
N LYS A 533 8.32 -25.32 0.88
CA LYS A 533 7.11 -25.15 0.12
C LYS A 533 5.95 -25.21 1.12
N ILE A 534 4.90 -24.41 0.85
CA ILE A 534 3.63 -24.51 1.57
C ILE A 534 2.49 -24.43 0.56
N VAL A 535 1.49 -25.28 0.77
CA VAL A 535 0.28 -25.31 -0.01
C VAL A 535 -0.86 -24.92 0.92
N VAL A 536 -1.63 -23.89 0.55
CA VAL A 536 -2.61 -23.29 1.47
C VAL A 536 -3.97 -23.21 0.76
N ASP A 537 -5.05 -23.42 1.51
CA ASP A 537 -6.42 -23.26 0.99
C ASP A 537 -7.17 -22.27 1.90
N LEU A 538 -7.48 -21.09 1.37
CA LEU A 538 -8.00 -19.99 2.15
C LEU A 538 -9.50 -20.20 2.39
N ASN A 539 -10.14 -21.04 1.58
CA ASN A 539 -11.59 -21.26 1.69
C ASN A 539 -11.89 -22.27 2.81
N SER A 540 -11.22 -23.43 2.76
CA SER A 540 -11.41 -24.52 3.72
C SER A 540 -10.57 -24.29 4.99
N ARG A 541 -9.52 -23.47 4.87
CA ARG A 541 -8.56 -23.19 5.97
C ARG A 541 -7.70 -24.41 6.26
N GLU A 542 -6.99 -24.88 5.23
CA GLU A 542 -6.08 -26.01 5.38
C GLU A 542 -4.73 -25.67 4.72
N TYR A 543 -3.67 -26.26 5.25
CA TYR A 543 -2.32 -25.98 4.80
C TYR A 543 -1.48 -27.26 4.88
N HIS A 544 -0.36 -27.24 4.15
CA HIS A 544 0.58 -28.36 4.02
C HIS A 544 1.97 -27.80 3.75
N LEU A 545 2.87 -27.97 4.72
CA LEU A 545 4.20 -27.35 4.71
C LEU A 545 5.27 -28.44 4.72
N GLU A 546 6.33 -28.24 3.92
CA GLU A 546 7.49 -29.17 3.86
C GLU A 546 8.79 -28.36 3.97
N LYS A 547 9.75 -28.88 4.75
CA LYS A 547 10.91 -28.10 5.27
C LYS A 547 12.24 -28.67 4.76
#